data_7NTL
#
_entry.id   7NTL
#
_cell.length_a   38.956
_cell.length_b   43.128
_cell.length_c   52.341
_cell.angle_alpha   90.000
_cell.angle_beta   101.814
_cell.angle_gamma   90.000
#
_symmetry.space_group_name_H-M   'P 1 21 1'
#
loop_
_entity.id
_entity.type
_entity.pdbx_description
1 polymer LPMO9F
2 non-polymer 'COPPER (II) ION'
3 non-polymer 'CITRIC ACID'
4 water water
#
_entity_poly.entity_id   1
_entity_poly.type   'polypeptide(L)'
_entity_poly.pdbx_seq_one_letter_code
;HGYVSSIQA(SNN)GQTYPGADPHNPNPESPGWQAENTDLGFVEPSAFSTPAIACHKNARAPPAHATVQAGSTIKLTWNT
WPESHHGPVLDYIAPCNGDCSSASAGSLNFVKIAEKGLISGSNPGFWAADELIQNGNSWEVTIPANLAPGKYVLRHEIIA
LHSAGNPNGAQAYPQCINLEVTGGGSATPSGQPATSFYSPNDPGILFNLYQSFDSYPIPGPAVWSG
;
_entity_poly.pdbx_strand_id   A
#
# COMPACT_ATOMS: atom_id res chain seq x y z
N HIS A 1 -12.98 1.72 -4.96
CA HIS A 1 -12.71 3.10 -4.57
C HIS A 1 -12.80 3.31 -3.07
N GLY A 2 -11.84 4.05 -2.55
CA GLY A 2 -11.71 4.33 -1.14
C GLY A 2 -10.33 4.89 -0.86
N TYR A 3 -10.11 5.27 0.40
CA TYR A 3 -8.79 5.75 0.83
C TYR A 3 -8.58 5.40 2.29
N VAL A 4 -7.32 5.47 2.73
CA VAL A 4 -6.99 5.22 4.13
C VAL A 4 -7.35 6.48 4.93
N SER A 5 -8.43 6.39 5.72
CA SER A 5 -8.98 7.55 6.41
C SER A 5 -8.51 7.66 7.86
N SER A 6 -7.95 6.60 8.44
CA SER A 6 -7.48 6.68 9.82
C SER A 6 -6.26 5.78 9.98
N ILE A 7 -5.32 6.22 10.82
CA ILE A 7 -4.05 5.55 11.01
C ILE A 7 -3.80 5.45 12.51
N GLN A 8 -3.64 4.24 13.02
CA GLN A 8 -3.50 4.05 14.46
C GLN A 8 -2.14 3.43 14.79
N ALA A 9 -1.43 4.06 15.74
CA ALA A 9 -0.24 3.47 16.34
C ALA A 9 -0.32 3.53 17.86
CA GLY A 11 -3.20 4.95 21.43
C GLY A 11 -3.11 6.32 20.81
N GLN A 12 -2.29 6.44 19.76
CA GLN A 12 -2.26 7.63 18.94
C GLN A 12 -2.94 7.31 17.61
N THR A 13 -3.96 8.11 17.28
CA THR A 13 -4.70 7.98 16.03
C THR A 13 -4.50 9.25 15.23
N TYR A 14 -4.27 9.09 13.93
CA TYR A 14 -4.07 10.22 13.03
C TYR A 14 -5.10 10.18 11.90
N PRO A 15 -5.54 11.32 11.40
CA PRO A 15 -6.40 11.32 10.21
C PRO A 15 -5.61 10.90 8.99
N GLY A 16 -6.31 10.25 8.05
CA GLY A 16 -5.71 9.92 6.78
C GLY A 16 -5.76 11.12 5.84
N ALA A 17 -5.19 10.92 4.65
CA ALA A 17 -5.04 12.02 3.69
C ALA A 17 -6.22 12.06 2.73
N ASP A 18 -7.26 12.79 3.12
CA ASP A 18 -8.41 13.04 2.27
C ASP A 18 -7.99 13.98 1.15
N PRO A 19 -8.08 13.57 -0.12
CA PRO A 19 -7.59 14.44 -1.21
C PRO A 19 -8.42 15.70 -1.39
N HIS A 20 -9.62 15.78 -0.83
CA HIS A 20 -10.42 16.99 -0.91
C HIS A 20 -10.22 17.91 0.28
N ASN A 21 -9.29 17.58 1.18
CA ASN A 21 -9.08 18.37 2.37
C ASN A 21 -7.67 18.11 2.92
N PRO A 22 -6.62 18.58 2.25
CA PRO A 22 -5.26 18.37 2.78
C PRO A 22 -5.13 18.91 4.20
N ASN A 23 -4.58 18.09 5.09
CA ASN A 23 -4.58 18.36 6.53
C ASN A 23 -3.14 18.25 7.04
N PRO A 24 -2.61 19.29 7.69
CA PRO A 24 -1.20 19.24 8.13
C PRO A 24 -0.90 18.21 9.21
N GLU A 25 -1.89 17.75 9.97
CA GLU A 25 -1.60 16.77 11.00
C GLU A 25 -1.70 15.33 10.48
N SER A 26 -2.06 15.14 9.22
CA SER A 26 -2.13 13.77 8.69
C SER A 26 -0.76 13.35 8.18
N PRO A 27 -0.28 12.17 8.58
CA PRO A 27 0.94 11.62 8.01
C PRO A 27 0.74 10.91 6.67
N GLY A 28 -0.47 10.94 6.12
CA GLY A 28 -0.71 10.38 4.80
C GLY A 28 -0.21 11.33 3.72
N TRP A 29 0.36 10.76 2.66
CA TRP A 29 0.84 11.57 1.55
C TRP A 29 -0.32 12.29 0.86
N GLN A 30 -0.07 13.51 0.39
CA GLN A 30 -1.13 14.33 -0.19
C GLN A 30 -1.15 14.11 -1.69
N ALA A 31 -2.07 13.27 -2.16
CA ALA A 31 -2.14 12.86 -3.55
C ALA A 31 -3.37 13.46 -4.23
N GLU A 32 -3.42 13.30 -5.56
CA GLU A 32 -4.52 13.78 -6.37
C GLU A 32 -5.47 12.65 -6.74
N ASN A 33 -5.69 11.73 -5.79
CA ASN A 33 -6.66 10.66 -5.95
C ASN A 33 -8.05 11.17 -5.61
N THR A 34 -8.49 12.26 -6.27
CA THR A 34 -9.70 12.95 -5.84
C THR A 34 -10.97 12.12 -6.04
N ASP A 35 -10.96 11.15 -6.95
CA ASP A 35 -12.07 10.22 -7.11
C ASP A 35 -11.99 9.03 -6.16
N LEU A 36 -11.01 9.03 -5.24
CA LEU A 36 -10.69 7.86 -4.41
C LEU A 36 -10.41 6.63 -5.27
N GLY A 37 -9.90 6.89 -6.48
CA GLY A 37 -9.67 5.86 -7.48
C GLY A 37 -8.27 5.29 -7.44
N PHE A 38 -7.82 4.84 -8.62
CA PHE A 38 -6.71 3.91 -8.74
C PHE A 38 -5.67 4.43 -9.74
N VAL A 39 -4.54 3.71 -9.76
CA VAL A 39 -3.50 3.86 -10.77
C VAL A 39 -3.61 2.66 -11.71
N GLU A 40 -3.68 2.92 -13.03
CA GLU A 40 -3.89 1.83 -13.99
C GLU A 40 -2.56 1.19 -14.41
N PRO A 41 -2.61 -0.01 -14.98
CA PRO A 41 -1.35 -0.71 -15.31
C PRO A 41 -0.47 0.05 -16.29
N SER A 42 -1.04 0.83 -17.19
CA SER A 42 -0.22 1.61 -18.11
C SER A 42 0.58 2.68 -17.38
N ALA A 43 0.24 2.97 -16.13
CA ALA A 43 0.96 3.93 -15.32
C ALA A 43 1.92 3.28 -14.32
N PHE A 44 2.05 1.95 -14.34
CA PHE A 44 2.95 1.25 -13.44
C PHE A 44 4.42 1.58 -13.72
N SER A 45 4.72 2.18 -14.87
CA SER A 45 6.06 2.62 -15.22
C SER A 45 6.30 4.08 -14.88
N THR A 46 5.32 4.76 -14.28
CA THR A 46 5.40 6.17 -13.93
C THR A 46 5.43 6.35 -12.42
N PRO A 47 5.85 7.53 -11.94
CA PRO A 47 5.92 7.76 -10.48
C PRO A 47 4.57 7.63 -9.77
N ALA A 48 3.45 7.66 -10.50
CA ALA A 48 2.14 7.57 -9.86
C ALA A 48 1.99 6.29 -9.06
N ILE A 49 2.67 5.21 -9.44
CA ILE A 49 2.51 3.94 -8.74
C ILE A 49 3.16 3.95 -7.35
N ALA A 50 4.06 4.89 -7.08
CA ALA A 50 4.72 4.90 -5.77
C ALA A 50 3.75 5.26 -4.66
N CYS A 51 3.17 6.46 -4.70
CA CYS A 51 2.30 6.91 -3.61
C CYS A 51 1.00 7.51 -4.15
N HIS A 52 0.61 7.15 -5.37
CA HIS A 52 -0.60 7.63 -6.05
C HIS A 52 -0.33 8.94 -6.80
N LYS A 53 -1.34 9.44 -7.51
CA LYS A 53 -1.12 10.48 -8.52
C LYS A 53 -0.59 11.78 -7.89
N ASN A 54 0.58 12.22 -8.39
CA ASN A 54 1.17 13.52 -8.02
C ASN A 54 1.34 13.67 -6.51
N ALA A 55 1.63 12.56 -5.83
CA ALA A 55 1.63 12.56 -4.38
C ALA A 55 2.80 13.39 -3.83
N ARG A 56 2.52 14.14 -2.76
CA ARG A 56 3.50 15.01 -2.11
C ARG A 56 3.71 14.62 -0.66
N ALA A 57 4.96 14.72 -0.20
CA ALA A 57 5.29 14.33 1.16
C ALA A 57 4.56 15.21 2.17
N PRO A 58 4.04 14.62 3.25
CA PRO A 58 3.32 15.42 4.26
C PRO A 58 4.27 15.96 5.30
N PRO A 59 3.85 16.94 6.09
CA PRO A 59 4.70 17.48 7.16
C PRO A 59 4.57 16.77 8.51
N ALA A 60 3.79 15.68 8.59
CA ALA A 60 3.60 14.95 9.82
C ALA A 60 4.07 13.51 9.64
N HIS A 61 4.30 12.84 10.75
CA HIS A 61 4.61 11.42 10.72
C HIS A 61 4.00 10.73 11.92
N ALA A 62 3.67 9.46 11.75
CA ALA A 62 3.30 8.60 12.86
C ALA A 62 4.57 7.98 13.41
N THR A 63 4.64 7.90 14.73
CA THR A 63 5.78 7.31 15.41
C THR A 63 5.40 5.90 15.86
N VAL A 64 6.32 4.95 15.68
CA VAL A 64 6.02 3.55 15.92
C VAL A 64 7.32 2.83 16.21
N GLN A 65 7.28 1.93 17.20
CA GLN A 65 8.45 1.15 17.55
C GLN A 65 8.60 -0.05 16.61
N ALA A 66 9.84 -0.34 16.21
CA ALA A 66 10.08 -1.54 15.42
C ALA A 66 9.55 -2.75 16.16
N GLY A 67 8.81 -3.60 15.44
CA GLY A 67 8.15 -4.75 16.02
C GLY A 67 6.70 -4.53 16.39
N SER A 68 6.25 -3.28 16.46
N SER A 68 6.24 -3.29 16.47
CA SER A 68 4.87 -2.99 16.81
CA SER A 68 4.86 -3.04 16.85
C SER A 68 4.00 -2.88 15.56
C SER A 68 3.98 -2.99 15.59
N THR A 69 2.74 -2.54 15.75
CA THR A 69 1.72 -2.63 14.72
C THR A 69 1.20 -1.25 14.35
N ILE A 70 0.99 -1.04 13.05
CA ILE A 70 0.20 0.07 12.53
C ILE A 70 -1.12 -0.51 12.03
N LYS A 71 -2.23 0.11 12.44
CA LYS A 71 -3.56 -0.32 12.02
C LYS A 71 -4.16 0.76 11.12
N LEU A 72 -4.52 0.36 9.90
CA LEU A 72 -5.02 1.27 8.88
C LEU A 72 -6.49 0.99 8.65
N THR A 73 -7.30 2.04 8.61
CA THR A 73 -8.72 1.91 8.32
C THR A 73 -9.02 2.66 7.03
N TRP A 74 -9.70 1.98 6.11
CA TRP A 74 -10.21 2.59 4.88
C TRP A 74 -11.58 3.19 5.15
N ASN A 75 -11.89 4.29 4.45
CA ASN A 75 -13.21 4.90 4.65
C ASN A 75 -14.32 3.94 4.25
N THR A 76 -14.05 3.10 3.25
CA THR A 76 -14.94 2.04 2.79
C THR A 76 -14.09 1.14 1.90
N TRP A 77 -14.61 -0.07 1.64
CA TRP A 77 -14.00 -0.91 0.59
C TRP A 77 -15.11 -1.76 0.00
N PRO A 78 -15.26 -1.81 -1.33
CA PRO A 78 -16.35 -2.57 -1.94
C PRO A 78 -16.05 -4.07 -2.03
N GLU A 79 -17.08 -4.86 -1.74
CA GLU A 79 -16.96 -6.31 -1.88
C GLU A 79 -16.52 -6.73 -3.29
N SER A 80 -16.94 -5.99 -4.31
CA SER A 80 -16.58 -6.35 -5.69
C SER A 80 -15.07 -6.29 -5.93
N HIS A 81 -14.34 -5.46 -5.17
CA HIS A 81 -12.93 -5.16 -5.44
C HIS A 81 -12.01 -6.22 -4.82
N HIS A 82 -12.26 -7.49 -5.15
CA HIS A 82 -11.42 -8.59 -4.67
C HIS A 82 -9.99 -8.44 -5.15
N GLY A 83 -9.04 -8.75 -4.28
CA GLY A 83 -7.64 -8.73 -4.66
C GLY A 83 -6.68 -8.78 -3.48
N PRO A 84 -5.37 -8.75 -3.78
CA PRO A 84 -4.37 -8.77 -2.70
C PRO A 84 -4.24 -7.45 -1.96
N VAL A 85 -3.71 -7.53 -0.75
CA VAL A 85 -3.36 -6.39 0.09
C VAL A 85 -1.88 -6.51 0.39
N LEU A 86 -1.12 -5.45 0.10
CA LEU A 86 0.34 -5.52 0.11
C LEU A 86 0.90 -4.34 0.88
N ASP A 87 2.01 -4.56 1.58
CA ASP A 87 2.63 -3.51 2.38
C ASP A 87 4.12 -3.46 2.06
N TYR A 88 4.62 -2.24 1.82
CA TYR A 88 6.02 -1.97 1.51
C TYR A 88 6.55 -0.85 2.40
N ILE A 89 7.87 -0.78 2.53
CA ILE A 89 8.49 0.31 3.29
C ILE A 89 9.78 0.75 2.61
N ALA A 90 10.06 2.06 2.68
CA ALA A 90 11.26 2.64 2.11
C ALA A 90 11.88 3.60 3.10
N PRO A 91 13.20 3.58 3.27
CA PRO A 91 13.84 4.64 4.05
C PRO A 91 13.68 5.97 3.34
N CYS A 92 13.55 7.04 4.12
N CYS A 92 13.66 7.03 4.15
CA CYS A 92 13.49 8.37 3.50
CA CYS A 92 13.48 8.39 3.66
C CYS A 92 14.46 9.31 4.20
C CYS A 92 14.60 9.23 4.25
N ASN A 93 15.27 10.00 3.40
CA ASN A 93 16.35 10.84 3.87
C ASN A 93 15.83 12.20 4.32
N GLY A 94 16.60 12.85 5.18
CA GLY A 94 16.16 14.13 5.71
C GLY A 94 14.97 13.95 6.62
N ASP A 95 14.21 15.03 6.78
CA ASP A 95 13.00 14.98 7.59
C ASP A 95 11.80 14.38 6.85
N CYS A 96 11.99 13.96 5.59
CA CYS A 96 10.98 13.29 4.77
C CYS A 96 9.85 14.20 4.34
N SER A 97 10.00 15.53 4.45
CA SER A 97 8.93 16.44 4.10
C SER A 97 9.04 16.99 2.68
N SER A 98 10.13 16.70 1.97
CA SER A 98 10.28 17.10 0.57
C SER A 98 10.67 15.91 -0.29
N ALA A 99 10.50 14.69 0.22
CA ALA A 99 10.95 13.51 -0.49
C ALA A 99 10.09 13.26 -1.72
N SER A 100 10.74 12.85 -2.80
CA SER A 100 10.04 12.48 -4.01
C SER A 100 9.59 11.03 -3.91
N ALA A 101 8.29 10.79 -4.12
CA ALA A 101 7.81 9.41 -4.02
C ALA A 101 8.48 8.50 -5.03
N GLY A 102 8.76 9.02 -6.22
CA GLY A 102 9.33 8.21 -7.29
C GLY A 102 10.75 7.76 -7.02
N SER A 103 11.44 8.42 -6.08
CA SER A 103 12.82 8.09 -5.77
C SER A 103 12.95 7.16 -4.57
N LEU A 104 11.85 6.83 -3.91
CA LEU A 104 11.92 5.95 -2.75
C LEU A 104 12.29 4.54 -3.16
N ASN A 105 13.17 3.91 -2.38
CA ASN A 105 13.60 2.53 -2.62
C ASN A 105 12.87 1.64 -1.63
N PHE A 106 11.85 0.93 -2.11
CA PHE A 106 10.94 0.15 -1.29
C PHE A 106 11.37 -1.31 -1.25
N VAL A 107 11.13 -1.95 -0.11
CA VAL A 107 11.05 -3.40 -0.04
C VAL A 107 9.64 -3.77 0.39
N LYS A 108 9.19 -4.96 -0.03
CA LYS A 108 7.91 -5.47 0.44
C LYS A 108 8.10 -6.04 1.84
N ILE A 109 7.18 -5.72 2.76
CA ILE A 109 7.24 -6.26 4.11
C ILE A 109 6.11 -7.22 4.44
N ALA A 110 5.00 -7.21 3.69
CA ALA A 110 3.93 -8.17 3.94
C ALA A 110 3.04 -8.25 2.70
N GLU A 111 2.36 -9.39 2.56
CA GLU A 111 1.43 -9.56 1.45
C GLU A 111 0.42 -10.64 1.80
N LYS A 112 -0.78 -10.50 1.25
CA LYS A 112 -1.75 -11.59 1.26
C LYS A 112 -2.56 -11.48 -0.02
N GLY A 113 -2.84 -12.64 -0.63
CA GLY A 113 -3.57 -12.69 -1.90
C GLY A 113 -4.88 -13.42 -1.81
N LEU A 114 -4.98 -14.55 -2.51
CA LEU A 114 -6.17 -15.39 -2.49
C LEU A 114 -6.20 -16.20 -1.20
N ILE A 115 -7.33 -16.16 -0.51
CA ILE A 115 -7.54 -16.96 0.70
C ILE A 115 -8.16 -18.31 0.37
N SER A 116 -9.22 -18.33 -0.44
CA SER A 116 -9.88 -19.60 -0.74
C SER A 116 -10.81 -19.44 -1.94
N GLY A 117 -11.08 -20.56 -2.60
CA GLY A 117 -12.11 -20.59 -3.62
C GLY A 117 -11.72 -19.91 -4.92
N SER A 118 -12.73 -19.71 -5.76
CA SER A 118 -12.57 -19.06 -7.06
C SER A 118 -13.94 -18.64 -7.57
N ASN A 119 -13.93 -17.86 -8.65
CA ASN A 119 -15.16 -17.35 -9.27
C ASN A 119 -16.15 -16.73 -8.29
N PRO A 120 -15.77 -15.65 -7.60
CA PRO A 120 -14.49 -14.95 -7.72
C PRO A 120 -13.45 -15.36 -6.68
N GLY A 121 -13.84 -16.15 -5.67
CA GLY A 121 -12.96 -16.46 -4.56
C GLY A 121 -13.05 -15.44 -3.46
N PHE A 122 -12.41 -15.77 -2.33
CA PHE A 122 -12.32 -14.91 -1.16
C PHE A 122 -10.87 -14.47 -0.97
N TRP A 123 -10.66 -13.18 -0.77
CA TRP A 123 -9.37 -12.55 -0.94
C TRP A 123 -9.00 -11.74 0.29
N ALA A 124 -7.73 -11.37 0.38
CA ALA A 124 -7.29 -10.43 1.41
C ALA A 124 -8.21 -9.21 1.49
N ALA A 125 -8.63 -8.65 0.35
CA ALA A 125 -9.50 -7.47 0.40
C ALA A 125 -10.82 -7.78 1.08
N ASP A 126 -11.33 -9.01 0.92
CA ASP A 126 -12.55 -9.40 1.61
C ASP A 126 -12.33 -9.53 3.11
N GLU A 127 -11.17 -10.08 3.52
N GLU A 127 -11.17 -10.05 3.51
CA GLU A 127 -10.83 -10.09 4.94
CA GLU A 127 -10.81 -10.11 4.93
C GLU A 127 -10.77 -8.68 5.50
C GLU A 127 -10.71 -8.71 5.51
N LEU A 128 -10.16 -7.76 4.75
CA LEU A 128 -10.09 -6.37 5.19
C LEU A 128 -11.48 -5.82 5.46
N ILE A 129 -12.46 -6.12 4.60
CA ILE A 129 -13.84 -5.70 4.86
C ILE A 129 -14.38 -6.35 6.14
N GLN A 130 -14.20 -7.67 6.27
CA GLN A 130 -14.71 -8.37 7.46
C GLN A 130 -14.06 -7.89 8.76
N ASN A 131 -12.82 -7.40 8.70
CA ASN A 131 -12.14 -6.84 9.88
C ASN A 131 -12.76 -5.52 10.33
N GLY A 132 -13.62 -4.90 9.53
CA GLY A 132 -14.10 -3.56 9.79
C GLY A 132 -13.41 -2.52 8.91
N ASN A 133 -13.14 -2.89 7.65
CA ASN A 133 -12.41 -2.04 6.70
C ASN A 133 -11.01 -1.69 7.19
N SER A 134 -10.35 -2.63 7.86
CA SER A 134 -9.08 -2.34 8.52
C SER A 134 -8.05 -3.43 8.25
N TRP A 135 -6.78 -3.05 8.41
CA TRP A 135 -5.65 -3.92 8.13
C TRP A 135 -4.53 -3.56 9.10
N GLU A 136 -3.77 -4.54 9.52
CA GLU A 136 -2.60 -4.31 10.39
C GLU A 136 -1.32 -4.63 9.65
N VAL A 137 -0.30 -3.81 9.92
CA VAL A 137 1.06 -3.98 9.38
C VAL A 137 2.01 -4.04 10.58
N THR A 138 2.80 -5.12 10.67
CA THR A 138 3.86 -5.19 11.67
C THR A 138 5.12 -4.58 11.10
N ILE A 139 5.68 -3.60 11.79
CA ILE A 139 6.98 -3.08 11.38
C ILE A 139 8.04 -4.10 11.81
N PRO A 140 8.89 -4.59 10.90
CA PRO A 140 9.85 -5.64 11.27
C PRO A 140 10.66 -5.26 12.51
N ALA A 141 10.84 -6.24 13.40
CA ALA A 141 11.47 -5.96 14.68
C ALA A 141 12.92 -5.52 14.54
N ASN A 142 13.59 -5.98 13.48
CA ASN A 142 15.00 -5.61 13.25
C ASN A 142 15.16 -4.39 12.34
N LEU A 143 14.07 -3.67 12.05
CA LEU A 143 14.21 -2.49 11.22
C LEU A 143 14.86 -1.37 12.03
N ALA A 144 15.93 -0.80 11.48
CA ALA A 144 16.68 0.20 12.21
C ALA A 144 15.85 1.47 12.41
N PRO A 145 16.10 2.21 13.49
CA PRO A 145 15.39 3.46 13.70
C PRO A 145 15.65 4.45 12.58
N GLY A 146 14.68 5.32 12.35
CA GLY A 146 14.82 6.35 11.34
C GLY A 146 13.48 6.70 10.71
N LYS A 147 13.55 7.51 9.67
CA LYS A 147 12.38 7.95 8.94
C LYS A 147 12.13 7.03 7.75
N TYR A 148 10.87 6.64 7.58
CA TYR A 148 10.48 5.70 6.53
C TYR A 148 9.15 6.12 5.93
N VAL A 149 8.85 5.57 4.75
CA VAL A 149 7.55 5.73 4.12
C VAL A 149 6.93 4.34 4.01
N LEU A 150 5.77 4.17 4.64
CA LEU A 150 5.00 2.94 4.50
C LEU A 150 4.05 3.09 3.32
N ARG A 151 4.04 2.10 2.43
CA ARG A 151 3.16 2.10 1.26
C ARG A 151 2.24 0.88 1.38
N HIS A 152 0.97 1.15 1.69
CA HIS A 152 -0.08 0.14 1.85
C HIS A 152 -0.93 0.16 0.58
N GLU A 153 -1.33 -1.02 0.11
CA GLU A 153 -1.94 -1.09 -1.22
C GLU A 153 -2.97 -2.20 -1.31
N ILE A 154 -4.09 -1.92 -1.96
CA ILE A 154 -4.99 -2.97 -2.46
C ILE A 154 -4.94 -2.93 -3.98
N ILE A 155 -4.87 -4.10 -4.59
CA ILE A 155 -5.01 -4.20 -6.04
C ILE A 155 -6.35 -4.88 -6.32
N ALA A 156 -7.30 -4.12 -6.84
CA ALA A 156 -8.62 -4.66 -7.16
C ALA A 156 -8.61 -5.34 -8.53
N LEU A 157 -9.16 -6.56 -8.58
CA LEU A 157 -9.07 -7.42 -9.77
C LEU A 157 -10.39 -7.63 -10.49
N HIS A 158 -11.44 -6.88 -10.14
CA HIS A 158 -12.77 -7.14 -10.71
C HIS A 158 -12.85 -6.85 -12.21
N SER A 159 -11.92 -6.07 -12.77
CA SER A 159 -11.82 -5.88 -14.21
C SER A 159 -10.48 -6.35 -14.77
N ALA A 160 -9.69 -7.06 -13.97
CA ALA A 160 -8.30 -7.36 -14.32
C ALA A 160 -8.15 -8.44 -15.38
N GLY A 161 -9.24 -9.12 -15.75
CA GLY A 161 -9.18 -10.07 -16.85
C GLY A 161 -9.00 -9.40 -18.20
N ASN A 162 -9.24 -8.11 -18.25
CA ASN A 162 -9.04 -7.32 -19.45
C ASN A 162 -7.71 -6.59 -19.38
N PRO A 163 -7.01 -6.49 -20.50
CA PRO A 163 -5.76 -5.72 -20.52
C PRO A 163 -5.98 -4.32 -20.00
N ASN A 164 -5.06 -3.87 -19.13
CA ASN A 164 -5.11 -2.57 -18.45
C ASN A 164 -6.23 -2.47 -17.43
N GLY A 165 -6.81 -3.60 -17.02
CA GLY A 165 -8.01 -3.60 -16.20
C GLY A 165 -7.79 -3.62 -14.70
N ALA A 166 -6.62 -4.08 -14.25
CA ALA A 166 -6.32 -4.06 -12.83
C ALA A 166 -6.34 -2.63 -12.31
N GLN A 167 -6.63 -2.47 -11.01
CA GLN A 167 -6.73 -1.14 -10.38
C GLN A 167 -5.89 -1.16 -9.11
N ALA A 168 -4.77 -0.42 -9.11
CA ALA A 168 -3.91 -0.36 -7.93
C ALA A 168 -4.25 0.85 -7.07
N TYR A 169 -4.36 0.63 -5.74
CA TYR A 169 -4.73 1.68 -4.79
C TYR A 169 -3.65 1.89 -3.73
N PRO A 170 -2.51 2.48 -4.11
CA PRO A 170 -1.45 2.73 -3.12
C PRO A 170 -1.74 3.92 -2.23
N GLN A 171 -1.34 3.79 -0.96
CA GLN A 171 -1.49 4.84 0.05
C GLN A 171 -0.22 4.90 0.88
N CYS A 172 0.47 6.04 0.86
CA CYS A 172 1.73 6.19 1.58
C CYS A 172 1.55 6.97 2.88
N ILE A 173 2.34 6.61 3.89
CA ILE A 173 2.25 7.18 5.23
C ILE A 173 3.66 7.41 5.76
N ASN A 174 3.93 8.61 6.25
CA ASN A 174 5.23 8.90 6.85
C ASN A 174 5.33 8.29 8.25
N LEU A 175 6.43 7.58 8.49
CA LEU A 175 6.68 6.96 9.78
C LEU A 175 8.02 7.42 10.35
N GLU A 176 8.09 7.44 11.67
CA GLU A 176 9.37 7.44 12.37
C GLU A 176 9.43 6.15 13.19
N VAL A 177 10.42 5.33 12.89
CA VAL A 177 10.60 4.04 13.55
C VAL A 177 11.61 4.21 14.66
N THR A 178 11.30 3.70 15.85
CA THR A 178 12.16 3.74 17.02
C THR A 178 12.51 2.32 17.44
N GLY A 179 13.43 2.22 18.39
CA GLY A 179 13.71 0.95 19.04
C GLY A 179 15.09 0.40 18.75
N GLY A 180 15.19 -0.92 18.84
CA GLY A 180 16.47 -1.59 18.84
C GLY A 180 16.82 -2.38 17.60
N GLY A 181 16.16 -2.08 16.48
CA GLY A 181 16.52 -2.72 15.23
C GLY A 181 17.85 -2.21 14.69
N SER A 182 18.47 -3.07 13.87
CA SER A 182 19.81 -2.81 13.36
C SER A 182 19.91 -2.79 11.84
N ALA A 183 18.90 -3.22 11.11
CA ALA A 183 19.01 -3.49 9.69
C ALA A 183 18.34 -2.40 8.84
N THR A 184 18.92 -2.13 7.68
CA THR A 184 18.28 -1.25 6.74
C THR A 184 18.09 -1.96 5.41
N PRO A 185 16.93 -1.82 4.79
CA PRO A 185 16.68 -2.54 3.52
C PRO A 185 17.36 -1.87 2.34
N SER A 186 17.56 -2.66 1.29
CA SER A 186 18.14 -2.22 0.03
C SER A 186 17.10 -2.47 -1.05
N GLY A 187 16.20 -1.51 -1.23
CA GLY A 187 15.04 -1.70 -2.06
C GLY A 187 15.18 -1.16 -3.47
N GLN A 188 14.04 -0.95 -4.12
CA GLN A 188 13.98 -0.53 -5.51
C GLN A 188 12.79 0.39 -5.67
N PRO A 189 12.79 1.25 -6.69
N PRO A 189 12.78 1.24 -6.71
CA PRO A 189 11.65 2.16 -6.88
CA PRO A 189 11.65 2.14 -6.92
C PRO A 189 10.38 1.40 -7.25
C PRO A 189 10.38 1.36 -7.21
N ALA A 190 9.24 1.98 -6.89
CA ALA A 190 7.95 1.34 -7.11
C ALA A 190 7.65 1.08 -8.58
N THR A 191 8.25 1.82 -9.50
CA THR A 191 8.07 1.52 -10.92
C THR A 191 8.65 0.17 -11.31
N SER A 192 9.43 -0.46 -10.44
CA SER A 192 9.97 -1.80 -10.68
C SER A 192 9.04 -2.91 -10.19
N PHE A 193 7.93 -2.59 -9.52
CA PHE A 193 7.10 -3.63 -8.89
C PHE A 193 6.37 -4.46 -9.94
N TYR A 194 5.63 -3.80 -10.84
CA TYR A 194 4.56 -4.45 -11.58
C TYR A 194 4.64 -4.14 -13.08
N SER A 195 4.13 -5.08 -13.87
CA SER A 195 4.00 -4.92 -15.31
C SER A 195 2.58 -5.27 -15.75
N PRO A 196 2.08 -4.66 -16.82
CA PRO A 196 0.68 -4.89 -17.22
C PRO A 196 0.34 -6.34 -17.54
N ASN A 197 1.34 -7.18 -17.83
N ASN A 197 1.32 -7.19 -17.85
CA ASN A 197 1.13 -8.56 -18.22
CA ASN A 197 1.00 -8.58 -18.17
C ASN A 197 1.55 -9.56 -17.16
C ASN A 197 1.55 -9.57 -17.15
N ASP A 198 1.91 -9.10 -15.96
CA ASP A 198 2.21 -10.02 -14.87
C ASP A 198 0.98 -10.89 -14.62
N PRO A 199 1.15 -12.18 -14.30
CA PRO A 199 -0.02 -13.05 -14.14
C PRO A 199 -0.95 -12.64 -13.01
N GLY A 200 -0.45 -11.93 -11.99
CA GLY A 200 -1.29 -11.44 -10.93
C GLY A 200 -1.93 -10.10 -11.20
N ILE A 201 -1.54 -9.46 -12.31
CA ILE A 201 -2.13 -8.20 -12.76
C ILE A 201 -3.17 -8.44 -13.84
N LEU A 202 -2.86 -9.33 -14.79
CA LEU A 202 -3.79 -9.72 -15.84
C LEU A 202 -4.37 -11.05 -15.38
N PHE A 203 -5.41 -10.98 -14.56
CA PHE A 203 -5.94 -12.14 -13.85
C PHE A 203 -7.46 -12.13 -13.91
N ASN A 204 -8.03 -13.27 -14.29
CA ASN A 204 -9.48 -13.42 -14.46
C ASN A 204 -10.07 -14.06 -13.20
N LEU A 205 -10.84 -13.27 -12.44
CA LEU A 205 -11.52 -13.78 -11.24
C LEU A 205 -12.62 -14.77 -11.59
N TYR A 206 -13.21 -14.65 -12.78
CA TYR A 206 -14.52 -15.25 -13.04
C TYR A 206 -14.40 -16.60 -13.73
N GLN A 207 -13.58 -17.48 -13.14
CA GLN A 207 -13.36 -18.84 -13.63
C GLN A 207 -12.75 -19.64 -12.49
N SER A 208 -12.52 -20.94 -12.73
CA SER A 208 -11.89 -21.78 -11.71
C SER A 208 -10.38 -21.55 -11.69
N PHE A 209 -9.82 -21.58 -10.49
CA PHE A 209 -8.38 -21.52 -10.29
C PHE A 209 -8.12 -22.00 -8.87
N ASP A 210 -6.90 -22.42 -8.61
CA ASP A 210 -6.60 -22.85 -7.25
C ASP A 210 -5.42 -22.10 -6.63
N SER A 211 -4.93 -21.06 -7.28
CA SER A 211 -3.87 -20.23 -6.70
C SER A 211 -3.87 -18.88 -7.40
N TYR A 212 -3.18 -17.93 -6.80
CA TYR A 212 -3.01 -16.59 -7.35
C TYR A 212 -1.56 -16.18 -7.13
N PRO A 213 -0.84 -15.80 -8.17
CA PRO A 213 0.56 -15.39 -7.99
C PRO A 213 0.66 -13.93 -7.61
N ILE A 214 0.97 -13.63 -6.36
CA ILE A 214 0.97 -12.24 -5.90
C ILE A 214 2.07 -11.47 -6.62
N PRO A 215 1.79 -10.31 -7.19
CA PRO A 215 2.78 -9.57 -7.96
C PRO A 215 3.72 -8.79 -7.05
N GLY A 216 4.79 -8.31 -7.67
CA GLY A 216 5.76 -7.52 -6.93
C GLY A 216 6.90 -8.36 -6.39
N PRO A 217 7.83 -7.73 -5.69
CA PRO A 217 9.04 -8.43 -5.23
C PRO A 217 8.78 -9.29 -4.01
N ALA A 218 9.80 -10.03 -3.61
CA ALA A 218 9.71 -10.91 -2.45
C ALA A 218 9.69 -10.11 -1.14
N VAL A 219 9.01 -10.68 -0.14
CA VAL A 219 8.97 -10.09 1.19
C VAL A 219 10.39 -10.04 1.77
N TRP A 220 10.76 -8.87 2.28
CA TRP A 220 12.10 -8.67 2.85
C TRP A 220 12.36 -9.57 4.04
#